data_7HO2
#
_entry.id   7HO2
#
_cell.length_a   95.362
_cell.length_b   95.362
_cell.length_c   45.766
_cell.angle_alpha   90.000
_cell.angle_beta   90.000
_cell.angle_gamma   90.000
#
_symmetry.space_group_name_H-M   'I 4'
#
loop_
_entity.id
_entity.type
_entity.pdbx_description
1 polymer 'E3 ubiquitin-protein ligase TRIM21'
2 non-polymer 1,2-ETHANEDIOL
3 non-polymer N-[2-(4-hydroxyphenyl)ethyl]pyridine-2-carboxamide
4 non-polymer 'SULFATE ION'
5 water water
#
_entity_poly.entity_id   1
_entity_poly.type   'polypeptide(L)'
_entity_poly.pdbx_seq_one_letter_code
;MHHHHHHMVHITLDRNTANSWLIISKDRRQVRMGDTHQNVSDNKERFSNYPMVLGAQRFSSGKMYWEVDVTQKEAWDLGV
CRDSVQRKGQFSLSPENGFWTIWLWQDSYEAGTSPQTTLHIQVPPCQIGIFVDYEAGVVSFYNITDHGSLIYTFSECVFA
GPLRPFFNVGFNYSGGNAAPLKLCPLKM
;
_entity_poly.pdbx_strand_id   B
#
loop_
_chem_comp.id
_chem_comp.type
_chem_comp.name
_chem_comp.formula
EDO non-polymer 1,2-ETHANEDIOL 'C2 H6 O2'
NUM non-polymer N-[2-(4-hydroxyphenyl)ethyl]pyridine-2-carboxamide 'C14 H14 N2 O2'
SO4 non-polymer 'SULFATE ION' 'O4 S -2'
#
# COMPACT_ATOMS: atom_id res chain seq x y z
N HIS A 2 2.35 16.67 10.96
CA HIS A 2 3.27 16.90 9.79
C HIS A 2 2.71 18.03 8.90
N HIS A 3 3.53 18.51 7.97
CA HIS A 3 3.20 19.60 7.01
C HIS A 3 3.46 19.13 5.57
N HIS A 4 3.14 17.87 5.25
CA HIS A 4 3.43 17.21 3.94
C HIS A 4 2.22 17.29 3.02
N HIS A 5 1.07 17.78 3.53
CA HIS A 5 -0.23 17.74 2.82
C HIS A 5 -0.16 18.45 1.46
N HIS A 6 0.64 19.50 1.30
CA HIS A 6 0.74 20.30 0.04
C HIS A 6 1.42 19.50 -1.09
N HIS A 7 2.05 18.35 -0.81
CA HIS A 7 2.62 17.44 -1.84
C HIS A 7 1.59 16.41 -2.28
N MET A 8 0.33 16.59 -1.95
CA MET A 8 -0.76 15.65 -2.29
C MET A 8 -0.75 15.35 -3.77
N VAL A 9 -0.89 14.08 -4.13
CA VAL A 9 -0.99 13.59 -5.52
C VAL A 9 -2.29 12.77 -5.62
N HIS A 10 -2.92 12.79 -6.77
CA HIS A 10 -4.16 12.04 -7.04
C HIS A 10 -3.79 10.64 -7.57
N ILE A 11 -3.90 9.64 -6.70
CA ILE A 11 -3.55 8.26 -7.09
C ILE A 11 -4.79 7.56 -7.66
N THR A 12 -4.57 6.75 -8.67
CA THR A 12 -5.62 5.83 -9.21
C THR A 12 -5.02 4.44 -9.33
N LEU A 13 -5.90 3.43 -9.18
CA LEU A 13 -5.42 2.03 -9.22
C LEU A 13 -5.31 1.51 -10.65
N ASP A 14 -4.31 0.71 -10.91
CA ASP A 14 -4.05 0.09 -12.23
C ASP A 14 -4.64 -1.34 -12.26
N ARG A 15 -5.81 -1.46 -12.89
N ARG A 15 -5.81 -1.49 -12.88
CA ARG A 15 -6.60 -2.71 -13.07
CA ARG A 15 -6.57 -2.77 -12.95
C ARG A 15 -5.73 -3.86 -13.55
C ARG A 15 -5.70 -3.89 -13.55
N ASN A 16 -4.79 -3.58 -14.46
CA ASN A 16 -3.99 -4.61 -15.13
C ASN A 16 -3.06 -5.32 -14.15
N THR A 17 -2.69 -4.67 -13.03
CA THR A 17 -1.78 -5.22 -12.03
C THR A 17 -2.53 -6.00 -10.95
N ALA A 18 -3.84 -5.85 -10.90
CA ALA A 18 -4.63 -6.38 -9.76
C ALA A 18 -4.66 -7.90 -9.77
N ASN A 19 -4.60 -8.50 -8.62
CA ASN A 19 -5.02 -9.91 -8.46
C ASN A 19 -6.43 -10.05 -9.06
N SER A 20 -6.64 -11.21 -9.68
CA SER A 20 -7.88 -11.49 -10.45
C SER A 20 -9.12 -11.57 -9.57
N TRP A 21 -9.04 -11.58 -8.25
CA TRP A 21 -10.21 -11.58 -7.35
C TRP A 21 -10.60 -10.16 -6.91
N LEU A 22 -9.78 -9.15 -7.27
CA LEU A 22 -10.06 -7.79 -6.76
C LEU A 22 -11.14 -7.12 -7.63
N ILE A 23 -11.89 -6.27 -6.96
CA ILE A 23 -12.94 -5.42 -7.59
C ILE A 23 -12.57 -3.96 -7.34
N ILE A 24 -12.24 -3.28 -8.42
CA ILE A 24 -11.84 -1.85 -8.38
C ILE A 24 -13.01 -0.99 -8.83
N SER A 25 -13.31 0.06 -8.14
CA SER A 25 -14.45 0.94 -8.47
C SER A 25 -14.23 1.63 -9.82
N LYS A 26 -15.34 2.14 -10.39
CA LYS A 26 -15.33 2.89 -11.66
C LYS A 26 -14.31 4.02 -11.60
N ASP A 27 -14.29 4.78 -10.51
CA ASP A 27 -13.36 5.93 -10.40
C ASP A 27 -11.90 5.47 -10.15
N ARG A 28 -11.61 4.19 -10.02
CA ARG A 28 -10.26 3.63 -9.77
C ARG A 28 -9.69 4.17 -8.45
N ARG A 29 -10.53 4.48 -7.51
CA ARG A 29 -10.09 4.99 -6.20
C ARG A 29 -10.39 4.06 -5.03
N GLN A 30 -11.13 2.97 -5.25
CA GLN A 30 -11.45 1.98 -4.21
C GLN A 30 -11.19 0.58 -4.71
N VAL A 31 -10.84 -0.31 -3.80
CA VAL A 31 -10.60 -1.73 -4.15
C VAL A 31 -11.04 -2.60 -2.98
N ARG A 32 -11.67 -3.72 -3.29
CA ARG A 32 -12.01 -4.73 -2.28
C ARG A 32 -11.80 -6.13 -2.88
N MET A 33 -11.74 -7.09 -1.96
N MET A 33 -11.64 -7.13 -2.01
CA MET A 33 -11.63 -8.53 -2.24
CA MET A 33 -11.48 -8.52 -2.48
C MET A 33 -13.02 -9.04 -2.67
C MET A 33 -12.85 -9.16 -2.63
N GLY A 34 -13.12 -9.60 -3.87
CA GLY A 34 -14.35 -10.32 -4.25
C GLY A 34 -14.38 -11.72 -3.66
N ASP A 35 -15.58 -12.33 -3.71
CA ASP A 35 -15.76 -13.70 -3.12
C ASP A 35 -15.43 -14.76 -4.21
N THR A 36 -14.95 -14.38 -5.40
CA THR A 36 -14.65 -15.30 -6.54
C THR A 36 -13.70 -14.63 -7.55
N HIS A 37 -13.20 -15.35 -8.53
CA HIS A 37 -12.45 -14.80 -9.68
C HIS A 37 -13.33 -13.78 -10.41
N GLN A 38 -12.79 -12.62 -10.78
CA GLN A 38 -13.59 -11.52 -11.35
C GLN A 38 -13.66 -11.56 -12.87
N ASN A 39 -13.31 -12.68 -13.49
CA ASN A 39 -13.63 -12.92 -14.93
C ASN A 39 -12.77 -12.07 -15.84
N VAL A 40 -11.53 -11.83 -15.45
CA VAL A 40 -10.50 -11.12 -16.27
C VAL A 40 -9.49 -12.15 -16.83
N SER A 41 -8.84 -11.85 -17.94
CA SER A 41 -7.72 -12.66 -18.45
C SER A 41 -6.49 -12.51 -17.56
N ASP A 42 -5.61 -13.49 -17.54
CA ASP A 42 -4.34 -13.44 -16.78
C ASP A 42 -3.34 -12.67 -17.64
N ASN A 43 -2.30 -12.14 -16.96
CA ASN A 43 -1.20 -11.44 -17.64
C ASN A 43 -0.02 -11.45 -16.69
N LYS A 44 1.14 -11.08 -17.21
CA LYS A 44 2.40 -11.17 -16.44
C LYS A 44 2.48 -10.09 -15.35
N GLU A 45 1.66 -9.06 -15.41
CA GLU A 45 1.66 -7.98 -14.39
C GLU A 45 0.85 -8.34 -13.14
N ARG A 46 -0.14 -9.23 -13.21
CA ARG A 46 -1.04 -9.43 -12.05
C ARG A 46 -0.34 -10.11 -10.90
N PHE A 47 -0.53 -9.59 -9.70
CA PHE A 47 -0.09 -10.29 -8.49
C PHE A 47 -0.90 -11.60 -8.38
N SER A 48 -0.25 -12.75 -8.34
CA SER A 48 -0.95 -14.07 -8.40
C SER A 48 -1.29 -14.58 -7.01
N ASN A 49 -0.45 -14.43 -6.01
CA ASN A 49 -0.56 -15.19 -4.74
C ASN A 49 -1.32 -14.42 -3.68
N TYR A 50 -1.44 -13.10 -3.79
CA TYR A 50 -1.95 -12.23 -2.71
C TYR A 50 -2.89 -11.18 -3.32
N PRO A 51 -3.81 -10.61 -2.53
CA PRO A 51 -4.79 -9.63 -3.03
C PRO A 51 -4.24 -8.20 -3.18
N MET A 52 -3.21 -8.10 -4.05
CA MET A 52 -2.39 -6.88 -4.23
C MET A 52 -2.71 -6.21 -5.55
N VAL A 53 -2.46 -4.90 -5.57
CA VAL A 53 -2.66 -4.03 -6.75
C VAL A 53 -1.71 -2.85 -6.64
N LEU A 54 -1.29 -2.29 -7.76
CA LEU A 54 -0.46 -1.07 -7.79
C LEU A 54 -1.25 0.14 -8.20
N GLY A 55 -0.81 1.32 -7.76
CA GLY A 55 -1.23 2.59 -8.40
C GLY A 55 -0.70 2.71 -9.83
N ALA A 56 -1.40 3.46 -10.67
CA ALA A 56 -0.97 3.71 -12.06
C ALA A 56 0.23 4.65 -12.11
N GLN A 57 0.34 5.54 -11.13
CA GLN A 57 1.36 6.62 -11.16
C GLN A 57 2.74 6.02 -10.88
N ARG A 58 3.76 6.49 -11.61
CA ARG A 58 5.18 6.17 -11.39
C ARG A 58 5.91 7.42 -10.92
N PHE A 59 6.71 7.27 -9.89
CA PHE A 59 7.49 8.41 -9.33
C PHE A 59 8.98 8.10 -9.38
N SER A 60 9.77 9.04 -9.92
N SER A 60 9.76 9.03 -9.93
CA SER A 60 11.25 8.89 -10.05
CA SER A 60 11.24 8.92 -10.04
C SER A 60 11.99 10.10 -9.47
C SER A 60 11.92 10.20 -9.52
N SER A 61 11.27 11.10 -8.94
N SER A 61 11.19 11.06 -8.83
CA SER A 61 11.83 12.32 -8.29
CA SER A 61 11.75 12.34 -8.33
C SER A 61 10.79 12.93 -7.35
C SER A 61 10.72 13.03 -7.44
N GLY A 62 11.18 13.94 -6.58
CA GLY A 62 10.24 14.81 -5.88
C GLY A 62 9.67 14.23 -4.60
N LYS A 63 8.70 14.96 -4.11
CA LYS A 63 8.00 14.67 -2.86
C LYS A 63 6.54 14.40 -3.24
N MET A 64 5.96 13.33 -2.69
CA MET A 64 4.58 12.88 -2.97
C MET A 64 3.89 12.50 -1.66
N TYR A 65 2.60 12.76 -1.56
CA TYR A 65 1.80 12.45 -0.34
C TYR A 65 0.44 11.96 -0.82
N TRP A 66 -0.08 10.90 -0.20
CA TRP A 66 -1.48 10.49 -0.39
C TRP A 66 -2.00 9.83 0.90
N GLU A 67 -3.31 9.65 0.95
CA GLU A 67 -4.02 9.06 2.10
C GLU A 67 -4.92 7.89 1.69
N VAL A 68 -4.98 6.91 2.56
CA VAL A 68 -5.77 5.70 2.34
C VAL A 68 -6.65 5.45 3.55
N ASP A 69 -7.93 5.16 3.29
CA ASP A 69 -8.93 4.76 4.31
C ASP A 69 -8.89 3.26 4.52
N VAL A 70 -8.70 2.82 5.76
CA VAL A 70 -8.61 1.39 6.16
C VAL A 70 -9.72 1.01 7.16
N THR A 71 -10.75 1.85 7.27
CA THR A 71 -11.85 1.64 8.23
C THR A 71 -12.36 0.19 8.22
N GLN A 72 -12.45 -0.41 9.40
CA GLN A 72 -13.09 -1.73 9.68
C GLN A 72 -12.34 -2.90 9.03
N LYS A 73 -11.12 -2.69 8.53
CA LYS A 73 -10.32 -3.82 8.06
C LYS A 73 -9.56 -4.51 9.19
N GLU A 74 -9.40 -5.81 9.09
CA GLU A 74 -8.61 -6.63 10.03
C GLU A 74 -7.19 -6.86 9.53
N ALA A 75 -6.93 -6.72 8.24
CA ALA A 75 -5.63 -7.02 7.64
C ALA A 75 -5.48 -6.22 6.36
N TRP A 76 -4.28 -5.70 6.12
CA TRP A 76 -3.92 -4.93 4.90
C TRP A 76 -2.43 -4.65 4.94
N ASP A 77 -1.90 -4.34 3.77
CA ASP A 77 -0.51 -3.81 3.62
C ASP A 77 -0.61 -2.51 2.82
N LEU A 78 0.20 -1.50 3.12
CA LEU A 78 0.23 -0.23 2.36
C LEU A 78 1.67 0.24 2.24
N GLY A 79 1.94 0.91 1.14
CA GLY A 79 3.20 1.67 1.01
C GLY A 79 3.52 1.97 -0.42
N VAL A 80 4.80 1.78 -0.78
N VAL A 80 4.75 1.71 -0.81
CA VAL A 80 5.30 1.89 -2.17
CA VAL A 80 5.26 2.05 -2.16
C VAL A 80 6.16 0.70 -2.50
C VAL A 80 6.25 0.93 -2.52
N CYS A 81 6.37 0.54 -3.80
CA CYS A 81 7.30 -0.49 -4.24
C CYS A 81 7.96 -0.12 -5.55
N ARG A 82 9.05 -0.79 -5.86
N ARG A 82 9.07 -0.77 -5.85
CA ARG A 82 9.66 -0.65 -7.20
CA ARG A 82 9.75 -0.60 -7.16
C ARG A 82 8.67 -1.07 -8.28
C ARG A 82 8.83 -1.14 -8.28
N ASP A 83 8.79 -0.46 -9.44
CA ASP A 83 7.96 -0.90 -10.57
C ASP A 83 8.30 -2.35 -10.90
N SER A 84 9.52 -2.82 -10.70
CA SER A 84 9.95 -4.16 -11.15
C SER A 84 9.83 -5.25 -10.07
N VAL A 85 9.06 -5.04 -9.00
CA VAL A 85 8.88 -6.13 -8.01
C VAL A 85 8.28 -7.37 -8.69
N GLN A 86 8.68 -8.50 -8.14
CA GLN A 86 8.10 -9.83 -8.46
C GLN A 86 6.57 -9.78 -8.33
N ARG A 87 5.87 -10.39 -9.28
CA ARG A 87 4.37 -10.45 -9.30
C ARG A 87 3.90 -11.87 -9.00
N LYS A 88 4.66 -12.91 -9.35
CA LYS A 88 4.18 -14.32 -9.30
C LYS A 88 4.86 -15.09 -8.19
N GLY A 89 4.13 -15.97 -7.52
CA GLY A 89 4.70 -16.82 -6.47
C GLY A 89 4.78 -16.13 -5.14
N GLN A 90 5.47 -16.77 -4.21
CA GLN A 90 5.58 -16.32 -2.81
C GLN A 90 6.78 -15.40 -2.66
N PHE A 91 6.60 -14.36 -1.86
CA PHE A 91 7.69 -13.43 -1.50
C PHE A 91 7.33 -12.68 -0.23
N SER A 92 8.36 -12.17 0.47
N SER A 92 8.38 -12.17 0.41
CA SER A 92 8.16 -11.32 1.66
CA SER A 92 8.30 -11.30 1.61
C SER A 92 8.26 -9.85 1.26
C SER A 92 8.22 -9.83 1.17
N LEU A 93 7.50 -9.02 1.95
CA LEU A 93 7.55 -7.57 1.79
C LEU A 93 8.74 -7.04 2.56
N SER A 94 9.78 -6.60 1.84
CA SER A 94 11.03 -6.11 2.45
C SER A 94 11.67 -5.12 1.50
N PRO A 95 12.52 -4.22 1.99
CA PRO A 95 13.28 -3.36 1.09
C PRO A 95 14.20 -4.16 0.15
N GLU A 96 14.74 -5.29 0.60
CA GLU A 96 15.59 -6.13 -0.28
C GLU A 96 14.77 -6.58 -1.49
N ASN A 97 13.47 -6.82 -1.35
CA ASN A 97 12.60 -7.26 -2.46
C ASN A 97 11.92 -6.07 -3.15
N GLY A 98 12.23 -4.82 -2.80
CA GLY A 98 11.69 -3.66 -3.49
C GLY A 98 10.40 -3.09 -2.89
N PHE A 99 10.13 -3.34 -1.59
CA PHE A 99 8.90 -2.84 -0.93
C PHE A 99 9.22 -2.01 0.31
N TRP A 100 8.52 -0.91 0.49
CA TRP A 100 8.56 -0.04 1.69
C TRP A 100 7.15 0.10 2.20
N THR A 101 6.78 -0.73 3.20
CA THR A 101 5.36 -0.97 3.56
C THR A 101 5.22 -1.08 5.08
N ILE A 102 4.00 -0.87 5.52
CA ILE A 102 3.52 -1.25 6.90
C ILE A 102 2.28 -2.11 6.70
N TRP A 103 1.88 -2.77 7.78
CA TRP A 103 0.67 -3.63 7.71
C TRP A 103 0.01 -3.74 9.04
N LEU A 104 -1.26 -4.17 8.98
CA LEU A 104 -2.06 -4.67 10.13
C LEU A 104 -2.25 -6.15 9.92
N TRP A 105 -2.06 -6.94 10.98
CA TRP A 105 -2.23 -8.40 10.95
C TRP A 105 -2.47 -8.86 12.38
N GLN A 106 -3.61 -9.56 12.62
CA GLN A 106 -3.86 -10.17 13.97
C GLN A 106 -3.66 -9.14 15.06
N ASP A 107 -4.30 -8.02 14.92
CA ASP A 107 -4.42 -6.99 15.96
C ASP A 107 -3.09 -6.32 16.28
N SER A 108 -2.04 -6.51 15.47
CA SER A 108 -0.78 -5.72 15.63
C SER A 108 -0.37 -5.08 14.31
N TYR A 109 0.30 -3.95 14.44
CA TYR A 109 0.87 -3.18 13.31
C TYR A 109 2.36 -3.40 13.26
N GLU A 110 2.89 -3.63 12.06
N GLU A 110 2.87 -3.66 12.05
CA GLU A 110 4.35 -3.90 11.86
CA GLU A 110 4.32 -3.92 11.80
C GLU A 110 4.85 -3.23 10.59
C GLU A 110 4.79 -3.07 10.62
N ALA A 111 6.10 -2.78 10.61
CA ALA A 111 6.78 -2.27 9.40
C ALA A 111 7.45 -3.45 8.70
N GLY A 112 7.37 -3.46 7.37
CA GLY A 112 7.93 -4.50 6.51
C GLY A 112 9.42 -4.38 6.32
N THR A 113 10.20 -4.33 7.39
CA THR A 113 11.64 -4.56 7.39
C THR A 113 11.92 -6.06 7.40
N SER A 114 13.19 -6.47 7.28
CA SER A 114 13.54 -7.90 7.40
C SER A 114 14.59 -8.07 8.51
N PRO A 115 14.21 -8.63 9.67
CA PRO A 115 12.84 -9.06 9.98
C PRO A 115 11.92 -7.87 10.31
N GLN A 116 10.63 -8.12 10.42
CA GLN A 116 9.61 -7.05 10.61
C GLN A 116 9.80 -6.33 11.95
N THR A 117 9.35 -5.11 12.01
CA THR A 117 9.51 -4.23 13.19
C THR A 117 8.15 -3.94 13.79
N THR A 118 8.02 -4.12 15.09
CA THR A 118 6.79 -3.78 15.83
C THR A 118 6.53 -2.27 15.80
N LEU A 119 5.31 -1.84 15.49
CA LEU A 119 4.90 -0.44 15.56
C LEU A 119 4.12 -0.23 16.86
N HIS A 120 4.12 0.98 17.35
CA HIS A 120 3.52 1.41 18.64
C HIS A 120 2.43 2.40 18.33
N ILE A 121 1.21 1.94 18.21
CA ILE A 121 0.04 2.77 17.82
C ILE A 121 -1.00 2.67 18.96
N GLN A 122 -1.28 3.80 19.60
CA GLN A 122 -2.24 3.87 20.74
C GLN A 122 -3.66 4.05 20.18
N VAL A 123 -3.80 4.74 19.05
CA VAL A 123 -5.12 5.06 18.42
C VAL A 123 -5.22 4.33 17.09
N PRO A 124 -5.92 3.16 16.99
CA PRO A 124 -5.96 2.42 15.73
C PRO A 124 -6.39 3.33 14.61
N PRO A 125 -5.60 3.45 13.53
CA PRO A 125 -5.92 4.37 12.46
C PRO A 125 -7.10 3.92 11.60
N CYS A 126 -7.92 4.89 11.22
CA CYS A 126 -8.94 4.69 10.14
C CYS A 126 -8.44 5.23 8.81
N GLN A 127 -7.50 6.19 8.81
N GLN A 127 -7.38 6.04 8.87
CA GLN A 127 -6.83 6.66 7.56
CA GLN A 127 -6.79 6.71 7.69
C GLN A 127 -5.33 6.85 7.83
C GLN A 127 -5.27 6.75 7.91
N ILE A 128 -4.54 6.43 6.84
CA ILE A 128 -3.05 6.39 6.84
C ILE A 128 -2.60 7.42 5.79
N GLY A 129 -1.64 8.28 6.17
CA GLY A 129 -0.92 9.14 5.22
C GLY A 129 0.43 8.57 4.87
N ILE A 130 0.78 8.61 3.58
CA ILE A 130 2.05 8.06 3.06
C ILE A 130 2.81 9.18 2.36
N PHE A 131 4.02 9.42 2.82
CA PHE A 131 4.90 10.46 2.26
C PHE A 131 6.15 9.83 1.69
N VAL A 132 6.51 10.18 0.47
CA VAL A 132 7.74 9.72 -0.20
C VAL A 132 8.56 10.93 -0.61
N ASP A 133 9.80 10.95 -0.15
CA ASP A 133 10.81 11.94 -0.62
C ASP A 133 11.84 11.16 -1.43
N TYR A 134 11.72 11.21 -2.76
CA TYR A 134 12.58 10.37 -3.62
C TYR A 134 14.07 10.68 -3.40
N GLU A 135 14.37 11.95 -3.47
CA GLU A 135 15.78 12.40 -3.43
C GLU A 135 16.39 12.06 -2.08
N ALA A 136 15.67 12.26 -0.98
CA ALA A 136 16.18 12.00 0.36
C ALA A 136 16.21 10.49 0.68
N GLY A 137 15.51 9.64 -0.06
CA GLY A 137 15.40 8.22 0.24
C GLY A 137 14.57 7.96 1.52
N VAL A 138 13.40 8.58 1.60
CA VAL A 138 12.52 8.48 2.80
C VAL A 138 11.13 8.05 2.36
N VAL A 139 10.58 7.14 3.14
CA VAL A 139 9.12 6.78 3.10
C VAL A 139 8.56 6.86 4.54
N SER A 140 7.60 7.71 4.78
CA SER A 140 7.01 7.90 6.11
C SER A 140 5.51 7.66 6.08
N PHE A 141 5.02 7.20 7.21
CA PHE A 141 3.62 6.80 7.43
C PHE A 141 3.09 7.61 8.62
N TYR A 142 1.86 8.09 8.49
CA TYR A 142 1.23 9.01 9.46
C TYR A 142 -0.17 8.50 9.82
N ASN A 143 -0.53 8.68 11.09
CA ASN A 143 -1.85 8.27 11.65
C ASN A 143 -2.81 9.45 11.52
N ILE A 144 -3.64 9.53 10.48
CA ILE A 144 -4.49 10.72 10.25
C ILE A 144 -5.55 10.79 11.38
N THR A 145 -5.98 9.67 11.92
CA THR A 145 -7.01 9.58 13.00
C THR A 145 -6.44 10.23 14.27
N ASP A 146 -5.14 10.13 14.52
CA ASP A 146 -4.47 10.73 15.71
C ASP A 146 -3.69 11.99 15.32
N HIS A 147 -4.31 12.93 14.65
CA HIS A 147 -3.76 14.29 14.39
C HIS A 147 -2.44 14.17 13.62
N GLY A 148 -2.31 13.16 12.76
CA GLY A 148 -1.14 13.05 11.87
C GLY A 148 0.10 12.54 12.57
N SER A 149 0.00 11.86 13.68
CA SER A 149 1.20 11.42 14.42
C SER A 149 2.03 10.45 13.57
N LEU A 150 3.33 10.45 13.73
CA LEU A 150 4.22 9.54 12.97
C LEU A 150 4.01 8.10 13.43
N ILE A 151 3.87 7.20 12.43
CA ILE A 151 3.86 5.75 12.64
C ILE A 151 5.24 5.14 12.41
N TYR A 152 5.87 5.46 11.27
CA TYR A 152 7.16 4.82 10.92
C TYR A 152 7.84 5.62 9.82
N THR A 153 9.18 5.68 9.85
CA THR A 153 10.01 6.23 8.76
C THR A 153 11.05 5.23 8.34
N PHE A 154 10.99 4.81 7.06
CA PHE A 154 12.12 4.17 6.37
C PHE A 154 13.04 5.28 5.85
N SER A 155 14.29 5.24 6.29
CA SER A 155 15.30 6.19 5.80
C SER A 155 16.43 5.40 5.18
N GLU A 156 17.31 6.11 4.46
CA GLU A 156 18.43 5.45 3.71
C GLU A 156 17.84 4.44 2.75
N CYS A 157 16.69 4.78 2.16
CA CYS A 157 16.06 3.87 1.17
C CYS A 157 16.90 3.81 -0.10
N VAL A 158 17.00 2.63 -0.66
CA VAL A 158 17.69 2.47 -1.97
C VAL A 158 16.59 2.04 -2.95
N PHE A 159 15.87 2.99 -3.52
CA PHE A 159 14.68 2.73 -4.36
C PHE A 159 15.11 1.90 -5.57
N ALA A 160 16.16 2.34 -6.28
CA ALA A 160 16.78 1.59 -7.39
C ALA A 160 15.83 1.43 -8.57
N GLY A 161 14.92 2.35 -8.74
CA GLY A 161 13.99 2.33 -9.86
C GLY A 161 12.83 3.27 -9.63
N PRO A 162 11.94 3.40 -10.62
CA PRO A 162 10.69 4.10 -10.40
C PRO A 162 9.88 3.42 -9.27
N LEU A 163 9.11 4.24 -8.58
CA LEU A 163 8.22 3.75 -7.47
C LEU A 163 6.76 3.81 -7.92
N ARG A 164 5.98 2.85 -7.42
CA ARG A 164 4.52 2.84 -7.57
C ARG A 164 3.83 2.70 -6.23
N PRO A 165 2.69 3.37 -6.03
CA PRO A 165 1.89 3.11 -4.82
C PRO A 165 1.49 1.63 -4.78
N PHE A 166 1.55 1.05 -3.58
CA PHE A 166 1.33 -0.40 -3.35
C PHE A 166 0.20 -0.59 -2.32
N PHE A 167 -0.65 -1.60 -2.60
CA PHE A 167 -1.85 -1.91 -1.78
C PHE A 167 -2.00 -3.42 -1.68
N ASN A 168 -2.42 -3.89 -0.50
CA ASN A 168 -2.91 -5.27 -0.30
C ASN A 168 -4.17 -5.17 0.55
N VAL A 169 -5.32 -5.60 -0.01
CA VAL A 169 -6.60 -5.55 0.76
C VAL A 169 -6.66 -6.68 1.80
N GLY A 170 -5.77 -7.67 1.70
CA GLY A 170 -5.80 -8.84 2.59
C GLY A 170 -6.86 -9.86 2.21
N PHE A 171 -6.61 -11.07 2.65
CA PHE A 171 -7.60 -12.17 2.55
C PHE A 171 -8.80 -11.91 3.44
N ASN A 172 -9.86 -12.65 3.18
CA ASN A 172 -11.07 -12.56 4.02
C ASN A 172 -11.48 -13.98 4.41
N TYR A 173 -10.59 -14.73 5.01
CA TYR A 173 -10.92 -16.06 5.57
C TYR A 173 -11.86 -15.90 6.76
N SER A 174 -11.82 -14.83 7.54
CA SER A 174 -12.58 -14.65 8.80
C SER A 174 -14.01 -14.17 8.51
N GLY A 175 -14.29 -13.62 7.33
CA GLY A 175 -15.56 -12.90 7.13
C GLY A 175 -15.59 -11.54 7.75
N GLY A 176 -14.52 -11.07 8.37
CA GLY A 176 -14.44 -9.76 9.03
C GLY A 176 -13.56 -8.77 8.27
N ASN A 177 -13.05 -9.10 7.10
CA ASN A 177 -12.10 -8.26 6.36
C ASN A 177 -12.60 -7.93 4.96
N ALA A 178 -13.90 -7.84 4.72
CA ALA A 178 -14.44 -7.54 3.38
C ALA A 178 -14.30 -6.07 3.00
N ALA A 179 -14.13 -5.19 3.98
CA ALA A 179 -14.17 -3.74 3.68
C ALA A 179 -13.10 -3.35 2.66
N PRO A 180 -13.35 -2.30 1.86
CA PRO A 180 -12.38 -1.84 0.87
C PRO A 180 -11.21 -1.00 1.46
N LEU A 181 -10.14 -0.88 0.68
CA LEU A 181 -9.20 0.26 0.77
C LEU A 181 -9.74 1.38 -0.11
N LYS A 182 -9.70 2.61 0.38
CA LYS A 182 -10.20 3.76 -0.40
C LYS A 182 -9.13 4.84 -0.44
N LEU A 183 -8.83 5.38 -1.58
CA LEU A 183 -7.98 6.60 -1.68
C LEU A 183 -8.84 7.80 -1.32
N CYS A 184 -8.41 8.55 -0.31
CA CYS A 184 -9.18 9.69 0.26
C CYS A 184 -8.97 10.92 -0.57
N PRO A 185 -10.00 11.79 -0.68
CA PRO A 185 -9.89 13.01 -1.45
C PRO A 185 -8.93 13.97 -0.76
N LEU A 186 -8.19 14.70 -1.61
CA LEU A 186 -7.41 15.93 -1.35
C LEU A 186 -8.31 17.00 -0.71
C1 EDO B . -10.25 -15.64 1.48
O1 EDO B . -10.32 -14.31 1.00
C2 EDO B . -9.72 -16.66 0.56
O2 EDO B . -10.23 -16.55 -0.75
N1 NUM C . -19.26 -3.82 2.00
N1 NUM C . -18.12 -3.11 3.26
C4 NUM C . -20.15 -5.06 -1.45
C4 NUM C . -18.91 -5.51 0.48
C5 NUM C . -19.29 -4.36 -0.42
C5 NUM C . -18.06 -4.58 1.30
C6 NUM C . -19.49 -4.87 1.00
C6 NUM C . -18.87 -4.09 2.48
C7 NUM C . -18.41 -3.98 3.02
C7 NUM C . -18.28 -1.80 3.08
C8 NUM C . -17.92 -2.70 3.68
C8 NUM C . -17.48 -0.92 3.98
C10 NUM C . -17.46 -0.37 3.60
C10 NUM C . -16.29 -0.49 6.00
C13 NUM C . -20.66 -4.37 -2.54
C13 NUM C . -18.90 -6.87 0.72
C1 NUM C . -21.73 -6.34 -3.37
C1 NUM C . -20.56 -7.24 -0.96
C11 NUM C . -17.00 -0.46 4.89
C11 NUM C . -16.05 0.78 5.53
C12 NUM C . -17.05 -1.69 5.52
C12 NUM C . -16.56 1.14 4.31
C14 NUM C . -21.45 -5.01 -3.49
C14 NUM C . -19.70 -7.74 0.00
C2 NUM C . -21.22 -7.06 -2.30
C2 NUM C . -20.62 -5.88 -1.20
C3 NUM C . -20.45 -6.41 -1.35
C3 NUM C . -19.80 -5.03 -0.48
C9 NUM C . -17.92 -1.51 2.96
C9 NUM C . -17.03 -1.36 5.21
N2 NUM C . -17.48 -2.81 4.93
N2 NUM C . -17.29 0.33 3.54
O1 NUM C . -22.49 -6.98 -4.30
O1 NUM C . -21.36 -8.09 -1.67
O2 NUM C . -18.00 -5.07 3.42
O2 NUM C . -19.04 -1.31 2.23
C1 EDO D . 3.46 -23.93 -6.04
O1 EDO D . 3.11 -22.56 -6.18
C2 EDO D . 3.32 -24.42 -4.66
O2 EDO D . 2.03 -24.17 -4.14
S SO4 E . 11.66 -14.02 0.35
O1 SO4 E . 10.91 -13.32 -0.66
O2 SO4 E . 12.34 -15.15 -0.23
O3 SO4 E . 12.64 -13.11 0.91
O4 SO4 E . 10.77 -14.48 1.40
#